data_8GYZ
#
_entry.id   8GYZ
#
_cell.length_a   73.755
_cell.length_b   85.840
_cell.length_c   89.457
_cell.angle_alpha   90.000
_cell.angle_beta   90.000
_cell.angle_gamma   90.000
#
_symmetry.space_group_name_H-M   'P 21 21 21'
#
loop_
_entity.id
_entity.type
_entity.pdbx_description
1 polymer 'Transcription factor TGA7'
2 non-polymer 'PALMITIC ACID'
3 water water
#
_entity_poly.entity_id   1
_entity_poly.type   'polypeptide(L)'
_entity_poly.pdbx_seq_one_letter_code
;MGSSHHHHHHSQDPSNDNQDDDGRIHDKMKRRLAQNREAARKSRLRKKAYVQQLEESRLKLSQLEQELEKVKQQGHLGPS
GSINTGIASFEMEYSHWLQEQSRRVSELRTALQSHISDIELKMLVESCLNHYANLFQMKSDAAKADVFYLISGMWRTSTE
RFFQWIGGFRPSELLNVVMPYLQPLTDQQILEVRNLQQSSQQAEDALSQGIDKLQQSLAESIVIDAVIESTHYPTHMAAA
IENLQALEGFVNQADHLRQQTLQQMAKILTTRQSARGLLALGEYLHRLRALSSLWAARPQEPT
;
_entity_poly.pdbx_strand_id   A,B
#
# COMPACT_ATOMS: atom_id res chain seq x y z
N ASN A 84 16.62 2.66 -17.44
CA ASN A 84 17.19 1.66 -16.54
C ASN A 84 17.21 0.28 -17.21
N THR A 85 18.43 -0.22 -17.50
CA THR A 85 18.53 -1.44 -18.27
C THR A 85 17.92 -2.63 -17.51
N GLY A 86 18.14 -2.71 -16.20
CA GLY A 86 17.63 -3.85 -15.45
C GLY A 86 16.11 -3.94 -15.50
N ILE A 87 15.43 -2.80 -15.28
CA ILE A 87 13.98 -2.82 -15.28
C ILE A 87 13.44 -3.10 -16.67
N ALA A 88 14.06 -2.55 -17.71
CA ALA A 88 13.71 -2.93 -19.08
C ALA A 88 13.80 -4.43 -19.27
N SER A 89 14.92 -5.02 -18.84
CA SER A 89 15.09 -6.46 -18.88
C SER A 89 13.98 -7.16 -18.09
N PHE A 90 13.60 -6.61 -16.93
CA PHE A 90 12.58 -7.26 -16.12
C PHE A 90 11.22 -7.24 -16.78
N GLU A 91 10.81 -6.10 -17.32
CA GLU A 91 9.49 -5.99 -17.93
C GLU A 91 9.33 -6.95 -19.08
N MET A 92 10.38 -7.20 -19.84
CA MET A 92 10.27 -8.15 -20.94
C MET A 92 10.33 -9.59 -20.45
N GLU A 93 11.15 -9.88 -19.44
CA GLU A 93 11.10 -11.21 -18.85
C GLU A 93 9.73 -11.48 -18.22
N TYR A 94 9.14 -10.48 -17.55
CA TYR A 94 7.82 -10.66 -16.94
C TYR A 94 6.77 -10.86 -18.00
N SER A 95 6.87 -10.14 -19.12
CA SER A 95 5.94 -10.40 -20.22
C SER A 95 6.00 -11.85 -20.70
N HIS A 96 7.20 -12.42 -20.85
CA HIS A 96 7.29 -13.83 -21.22
C HIS A 96 6.82 -14.74 -20.08
N TRP A 97 7.10 -14.38 -18.82
CA TRP A 97 6.68 -15.18 -17.68
C TRP A 97 5.17 -15.36 -17.67
N LEU A 98 4.43 -14.27 -17.93
CA LEU A 98 2.98 -14.30 -17.92
C LEU A 98 2.42 -15.21 -19.00
N GLN A 99 3.04 -15.21 -20.18
CA GLN A 99 2.64 -16.12 -21.25
C GLN A 99 2.90 -17.57 -20.86
N GLU A 100 4.06 -17.87 -20.27
CA GLU A 100 4.31 -19.25 -19.85
C GLU A 100 3.35 -19.64 -18.73
N GLN A 101 3.02 -18.69 -17.86
CA GLN A 101 2.09 -18.92 -16.76
C GLN A 101 0.71 -19.27 -17.30
N SER A 102 0.27 -18.56 -18.33
CA SER A 102 -1.01 -18.84 -18.96
C SER A 102 -1.02 -20.26 -19.53
N ARG A 103 0.10 -20.70 -20.07
CA ARG A 103 0.17 -22.06 -20.59
C ARG A 103 0.05 -23.07 -19.47
N ARG A 104 0.74 -22.83 -18.36
CA ARG A 104 0.66 -23.76 -17.24
C ARG A 104 -0.76 -23.84 -16.72
N VAL A 105 -1.44 -22.69 -16.63
CA VAL A 105 -2.81 -22.69 -16.12
C VAL A 105 -3.73 -23.46 -17.04
N SER A 106 -3.60 -23.29 -18.36
CA SER A 106 -4.37 -24.10 -19.30
C SER A 106 -4.05 -25.58 -19.15
N GLU A 107 -2.77 -25.93 -18.99
CA GLU A 107 -2.43 -27.34 -18.79
C GLU A 107 -3.12 -27.90 -17.55
N LEU A 108 -3.16 -27.12 -16.46
CA LEU A 108 -3.84 -27.54 -15.24
C LEU A 108 -5.34 -27.71 -15.47
N ARG A 109 -5.95 -26.74 -16.14
CA ARG A 109 -7.39 -26.82 -16.39
C ARG A 109 -7.75 -28.08 -17.19
N THR A 110 -7.00 -28.35 -18.25
CA THR A 110 -7.24 -29.57 -19.04
C THR A 110 -6.87 -30.83 -18.25
N ALA A 111 -5.76 -30.82 -17.53
CA ALA A 111 -5.38 -32.01 -16.76
C ALA A 111 -6.47 -32.44 -15.77
N LEU A 112 -7.12 -31.49 -15.10
CA LEU A 112 -8.18 -31.86 -14.15
C LEU A 112 -9.51 -32.30 -14.83
N GLN A 113 -9.49 -32.44 -16.16
CA GLN A 113 -10.57 -33.03 -16.93
C GLN A 113 -10.12 -34.21 -17.76
N SER A 114 -8.84 -34.49 -17.82
CA SER A 114 -8.32 -35.51 -18.72
C SER A 114 -8.06 -36.79 -17.94
N HIS A 115 -7.55 -37.80 -18.65
CA HIS A 115 -7.04 -39.01 -18.02
C HIS A 115 -5.54 -38.92 -17.81
N ILE A 116 -5.07 -37.75 -17.32
CA ILE A 116 -3.66 -37.58 -17.02
C ILE A 116 -3.27 -38.55 -15.92
N SER A 117 -2.09 -39.16 -16.05
CA SER A 117 -1.64 -40.05 -14.99
C SER A 117 -1.20 -39.26 -13.74
N ASP A 118 -1.16 -39.96 -12.61
CA ASP A 118 -0.70 -39.32 -11.38
C ASP A 118 0.73 -38.81 -11.51
N ILE A 119 1.64 -39.61 -12.08
CA ILE A 119 3.03 -39.15 -12.23
C ILE A 119 3.10 -37.96 -13.19
N GLU A 120 2.27 -37.96 -14.24
CA GLU A 120 2.25 -36.81 -15.12
C GLU A 120 1.74 -35.58 -14.40
N LEU A 121 0.71 -35.73 -13.57
CA LEU A 121 0.22 -34.59 -12.80
C LEU A 121 1.22 -34.14 -11.76
N LYS A 122 1.98 -35.07 -11.15
CA LYS A 122 3.06 -34.65 -10.25
C LYS A 122 4.05 -33.77 -10.98
N MET A 123 4.48 -34.16 -12.19
CA MET A 123 5.42 -33.33 -12.93
C MET A 123 4.83 -31.98 -13.32
N LEU A 124 3.54 -31.94 -13.63
CA LEU A 124 2.91 -30.66 -13.91
C LEU A 124 2.90 -29.77 -12.69
N VAL A 125 2.58 -30.35 -11.52
CA VAL A 125 2.56 -29.56 -10.29
C VAL A 125 3.96 -29.01 -10.03
N GLU A 126 4.98 -29.85 -10.20
CA GLU A 126 6.36 -29.37 -10.01
C GLU A 126 6.72 -28.25 -10.99
N SER A 127 6.23 -28.33 -12.23
CA SER A 127 6.53 -27.30 -13.21
C SER A 127 5.88 -25.96 -12.85
N CYS A 128 4.68 -25.99 -12.32
CA CYS A 128 4.02 -24.76 -11.84
C CYS A 128 4.78 -24.14 -10.67
N LEU A 129 5.19 -24.96 -9.70
CA LEU A 129 6.01 -24.46 -8.59
C LEU A 129 7.32 -23.89 -9.11
N ASN A 130 7.96 -24.60 -10.05
CA ASN A 130 9.20 -24.07 -10.60
C ASN A 130 8.98 -22.77 -11.33
N HIS A 131 7.82 -22.59 -11.97
CA HIS A 131 7.58 -21.34 -12.70
C HIS A 131 7.44 -20.18 -11.74
N TYR A 132 6.82 -20.38 -10.56
CA TYR A 132 6.78 -19.33 -9.55
C TYR A 132 8.18 -19.03 -9.00
N ALA A 133 9.01 -20.05 -8.81
CA ALA A 133 10.40 -19.81 -8.41
C ALA A 133 11.16 -18.95 -9.43
N ASN A 134 10.88 -19.12 -10.72
CA ASN A 134 11.50 -18.24 -11.71
C ASN A 134 11.00 -16.80 -11.61
N LEU A 135 9.73 -16.61 -11.25
CA LEU A 135 9.25 -15.26 -11.00
C LEU A 135 10.06 -14.61 -9.88
N PHE A 136 10.27 -15.34 -8.79
CA PHE A 136 11.00 -14.75 -7.65
C PHE A 136 12.44 -14.42 -8.01
N GLN A 137 13.05 -15.23 -8.88
CA GLN A 137 14.42 -14.95 -9.33
C GLN A 137 14.46 -13.70 -10.18
N MET A 138 13.50 -13.53 -11.08
CA MET A 138 13.42 -12.32 -11.89
C MET A 138 13.22 -11.08 -11.02
N LYS A 139 12.32 -11.19 -10.05
CA LYS A 139 12.08 -10.09 -9.14
C LYS A 139 13.31 -9.80 -8.31
N SER A 140 14.05 -10.81 -7.89
CA SER A 140 15.27 -10.57 -7.13
C SER A 140 16.28 -9.77 -7.95
N ASP A 141 16.40 -10.07 -9.26
CA ASP A 141 17.28 -9.28 -10.12
C ASP A 141 16.72 -7.88 -10.37
N ALA A 142 15.40 -7.75 -10.50
CA ALA A 142 14.83 -6.41 -10.62
C ALA A 142 15.05 -5.60 -9.35
N ALA A 143 15.00 -6.24 -8.17
CA ALA A 143 15.26 -5.53 -6.92
C ALA A 143 16.64 -4.90 -6.90
N LYS A 144 17.64 -5.54 -7.49
CA LYS A 144 18.97 -4.96 -7.55
C LYS A 144 19.08 -3.81 -8.54
N ALA A 145 18.25 -3.77 -9.59
CA ALA A 145 18.27 -2.60 -10.47
C ALA A 145 17.43 -1.45 -9.89
N ASP A 146 16.17 -1.73 -9.44
CA ASP A 146 15.34 -0.64 -8.90
C ASP A 146 14.27 -1.19 -7.95
N VAL A 147 14.68 -1.37 -6.70
CA VAL A 147 13.76 -1.99 -5.75
C VAL A 147 12.55 -1.10 -5.48
N PHE A 148 12.70 0.22 -5.54
CA PHE A 148 11.51 1.04 -5.31
C PHE A 148 10.49 0.90 -6.45
N TYR A 149 10.95 0.83 -7.70
CA TYR A 149 10.05 0.47 -8.80
C TYR A 149 9.37 -0.89 -8.55
N LEU A 150 10.13 -1.88 -8.10
CA LEU A 150 9.54 -3.20 -7.88
C LEU A 150 8.49 -3.14 -6.79
N ILE A 151 8.81 -2.49 -5.68
CA ILE A 151 7.92 -2.39 -4.52
C ILE A 151 6.66 -1.62 -4.88
N SER A 152 6.81 -0.59 -5.71
CA SER A 152 5.68 0.28 -6.00
C SER A 152 4.64 -0.41 -6.87
N GLY A 153 5.03 -1.50 -7.55
CA GLY A 153 4.07 -2.25 -8.34
C GLY A 153 3.54 -1.56 -9.58
N MET A 154 4.22 -0.52 -10.06
CA MET A 154 3.81 0.08 -11.33
C MET A 154 4.05 -0.85 -12.54
N TRP A 155 4.81 -1.92 -12.39
CA TRP A 155 4.83 -2.98 -13.40
C TRP A 155 3.61 -3.91 -13.29
N ARG A 156 2.70 -3.69 -12.34
CA ARG A 156 1.50 -4.48 -12.14
C ARG A 156 0.28 -3.66 -12.56
N THR A 157 -0.88 -4.28 -12.55
CA THR A 157 -2.09 -3.54 -12.86
C THR A 157 -2.62 -2.80 -11.62
N SER A 158 -3.59 -1.94 -11.86
CA SER A 158 -4.22 -1.16 -10.79
C SER A 158 -4.86 -2.07 -9.74
N THR A 159 -5.56 -3.11 -10.19
CA THR A 159 -6.21 -4.06 -9.30
C THR A 159 -5.19 -4.84 -8.48
N GLU A 160 -4.08 -5.27 -9.10
CA GLU A 160 -3.05 -5.95 -8.29
C GLU A 160 -2.51 -5.02 -7.21
N ARG A 161 -2.31 -3.73 -7.53
CA ARG A 161 -1.75 -2.79 -6.56
C ARG A 161 -2.68 -2.61 -5.37
N PHE A 162 -4.00 -2.67 -5.61
CA PHE A 162 -4.98 -2.63 -4.53
C PHE A 162 -4.74 -3.72 -3.49
N PHE A 163 -4.27 -4.89 -3.90
CA PHE A 163 -4.13 -6.01 -2.99
C PHE A 163 -2.68 -6.20 -2.54
N GLN A 164 -1.80 -5.27 -2.84
CA GLN A 164 -0.40 -5.66 -2.90
C GLN A 164 0.23 -5.56 -1.54
N TRP A 165 1.24 -6.40 -1.32
CA TRP A 165 1.97 -6.44 -0.07
C TRP A 165 3.40 -6.80 -0.44
N ILE A 166 4.33 -5.86 -0.22
CA ILE A 166 5.74 -6.01 -0.49
C ILE A 166 6.19 -6.56 -1.83
N GLY A 167 5.69 -5.98 -2.92
CA GLY A 167 5.99 -6.48 -4.24
C GLY A 167 5.07 -7.56 -4.76
N GLY A 168 4.02 -7.91 -4.05
CA GLY A 168 3.20 -9.01 -4.53
C GLY A 168 1.93 -9.19 -3.73
N PHE A 169 1.56 -10.42 -3.47
CA PHE A 169 0.43 -10.68 -2.58
C PHE A 169 0.93 -11.27 -1.28
N ARG A 170 0.10 -11.15 -0.24
CA ARG A 170 0.34 -11.84 1.00
C ARG A 170 0.03 -13.32 0.79
N PRO A 171 0.95 -14.22 1.07
CA PRO A 171 0.60 -15.63 0.89
C PRO A 171 -0.56 -16.08 1.75
N SER A 172 -0.77 -15.50 2.93
CA SER A 172 -1.83 -16.02 3.79
C SER A 172 -3.20 -15.73 3.22
N GLU A 173 -3.31 -14.64 2.43
CA GLU A 173 -4.57 -14.24 1.82
C GLU A 173 -4.86 -15.06 0.58
N LEU A 174 -3.82 -15.36 -0.22
CA LEU A 174 -4.02 -16.23 -1.37
C LEU A 174 -4.45 -17.61 -0.93
N LEU A 175 -3.88 -18.09 0.19
CA LEU A 175 -4.30 -19.38 0.75
C LEU A 175 -5.77 -19.37 1.10
N ASN A 176 -6.23 -18.29 1.71
CA ASN A 176 -7.63 -18.17 2.04
C ASN A 176 -8.49 -18.20 0.78
N VAL A 177 -8.02 -17.55 -0.28
CA VAL A 177 -8.80 -17.44 -1.52
C VAL A 177 -8.97 -18.81 -2.17
N VAL A 178 -7.90 -19.60 -2.21
CA VAL A 178 -8.02 -20.90 -2.85
C VAL A 178 -8.56 -22.00 -1.95
N MET A 179 -8.56 -21.80 -0.63
CA MET A 179 -8.90 -22.87 0.32
C MET A 179 -10.18 -23.61 -0.01
N PRO A 180 -11.28 -23.00 -0.39
CA PRO A 180 -12.48 -23.78 -0.70
C PRO A 180 -12.35 -24.70 -1.93
N TYR A 181 -11.49 -24.34 -2.88
CA TYR A 181 -11.32 -25.10 -4.11
C TYR A 181 -10.37 -26.28 -3.94
N LEU A 182 -9.76 -26.43 -2.77
CA LEU A 182 -8.98 -27.62 -2.42
C LEU A 182 -9.82 -28.74 -1.82
N GLN A 183 -11.03 -28.43 -1.39
CA GLN A 183 -11.85 -29.35 -0.65
C GLN A 183 -12.36 -30.46 -1.56
N PRO A 184 -12.57 -31.67 -0.99
CA PRO A 184 -12.43 -31.88 0.46
C PRO A 184 -11.09 -32.39 1.03
N LEU A 185 -10.62 -31.71 2.06
CA LEU A 185 -9.40 -32.07 2.75
C LEU A 185 -9.75 -32.79 4.04
N THR A 186 -8.82 -33.64 4.53
CA THR A 186 -9.02 -34.24 5.85
C THR A 186 -8.89 -33.17 6.94
N ASP A 187 -9.33 -33.50 8.16
CA ASP A 187 -9.20 -32.56 9.29
C ASP A 187 -7.74 -32.27 9.63
N GLN A 188 -6.87 -33.28 9.51
CA GLN A 188 -5.46 -33.10 9.80
C GLN A 188 -4.84 -32.18 8.76
N GLN A 189 -5.23 -32.32 7.48
CA GLN A 189 -4.72 -31.40 6.47
C GLN A 189 -5.20 -29.98 6.70
N ILE A 190 -6.50 -29.82 7.01
CA ILE A 190 -7.04 -28.49 7.21
C ILE A 190 -6.29 -27.80 8.34
N LEU A 191 -5.98 -28.54 9.41
CA LEU A 191 -5.27 -27.93 10.54
C LEU A 191 -3.84 -27.55 10.16
N GLU A 192 -3.18 -28.39 9.37
CA GLU A 192 -1.84 -28.08 8.85
C GLU A 192 -1.89 -26.88 7.90
N VAL A 193 -2.93 -26.77 7.07
CA VAL A 193 -3.05 -25.57 6.24
C VAL A 193 -3.21 -24.34 7.13
N ARG A 194 -4.06 -24.43 8.13
CA ARG A 194 -4.27 -23.30 9.03
C ARG A 194 -3.02 -22.94 9.83
N ASN A 195 -2.25 -23.93 10.28
CA ASN A 195 -1.01 -23.60 10.98
C ASN A 195 0.00 -22.96 10.04
N LEU A 196 -0.01 -23.34 8.76
CA LEU A 196 0.83 -22.70 7.77
C LEU A 196 0.38 -21.29 7.50
N GLN A 197 -0.92 -21.08 7.38
CA GLN A 197 -1.41 -19.71 7.16
C GLN A 197 -1.11 -18.80 8.34
N GLN A 198 -1.22 -19.32 9.57
CA GLN A 198 -0.93 -18.52 10.76
C GLN A 198 0.55 -18.15 10.84
N SER A 199 1.41 -19.14 10.59
CA SER A 199 2.85 -18.88 10.58
C SER A 199 3.21 -17.90 9.48
N SER A 200 2.56 -18.01 8.33
CA SER A 200 2.78 -17.02 7.29
C SER A 200 2.28 -15.65 7.72
N GLN A 201 1.12 -15.57 8.36
CA GLN A 201 0.61 -14.27 8.83
C GLN A 201 1.59 -13.61 9.80
N GLN A 202 2.22 -14.40 10.67
CA GLN A 202 3.19 -13.81 11.60
C GLN A 202 4.46 -13.36 10.89
N ALA A 203 4.92 -14.12 9.92
CA ALA A 203 6.08 -13.69 9.13
C ALA A 203 5.74 -12.46 8.31
N GLU A 204 4.55 -12.42 7.70
CA GLU A 204 4.11 -11.24 6.97
C GLU A 204 4.09 -10.00 7.88
N ASP A 205 3.55 -10.14 9.10
CA ASP A 205 3.50 -8.97 9.99
C ASP A 205 4.90 -8.54 10.44
N ALA A 206 5.81 -9.50 10.68
CA ALA A 206 7.17 -9.15 11.05
C ALA A 206 7.85 -8.34 9.94
N LEU A 207 7.66 -8.76 8.68
CA LEU A 207 8.24 -8.01 7.57
C LEU A 207 7.61 -6.61 7.44
N SER A 208 6.31 -6.52 7.58
CA SER A 208 5.64 -5.22 7.54
C SER A 208 6.08 -4.32 8.70
N GLN A 209 6.29 -4.90 9.88
CA GLN A 209 6.79 -4.11 10.99
C GLN A 209 8.21 -3.67 10.73
N GLY A 210 8.99 -4.49 10.04
CA GLY A 210 10.32 -4.07 9.62
C GLY A 210 10.27 -2.91 8.63
N ILE A 211 9.40 -3.02 7.62
CA ILE A 211 9.21 -1.92 6.69
C ILE A 211 8.73 -0.68 7.43
N ASP A 212 7.82 -0.85 8.40
CA ASP A 212 7.36 0.30 9.18
C ASP A 212 8.52 0.99 9.92
N LYS A 213 9.50 0.20 10.39
CA LYS A 213 10.66 0.77 11.06
C LYS A 213 11.55 1.55 10.08
N LEU A 214 11.73 1.00 8.87
CA LEU A 214 12.45 1.72 7.82
C LEU A 214 11.73 3.00 7.44
N GLN A 215 10.41 2.95 7.36
CA GLN A 215 9.70 4.18 7.01
C GLN A 215 9.86 5.22 8.09
N GLN A 216 9.89 4.81 9.36
CA GLN A 216 10.07 5.78 10.43
C GLN A 216 11.44 6.45 10.31
N SER A 217 12.47 5.65 10.05
CA SER A 217 13.81 6.20 9.91
C SER A 217 13.91 7.12 8.70
N LEU A 218 13.28 6.75 7.59
CA LEU A 218 13.21 7.66 6.45
C LEU A 218 12.46 8.93 6.82
N ALA A 219 11.32 8.81 7.51
CA ALA A 219 10.56 9.98 7.87
C ALA A 219 11.39 10.92 8.75
N GLU A 220 12.15 10.36 9.71
CA GLU A 220 13.00 11.21 10.55
C GLU A 220 14.10 11.91 9.75
N SER A 221 14.71 11.23 8.79
CA SER A 221 15.68 11.90 7.92
C SER A 221 15.02 13.06 7.18
N ILE A 222 13.84 12.80 6.62
CA ILE A 222 13.17 13.73 5.73
C ILE A 222 12.72 15.00 6.46
N VAL A 223 12.20 14.88 7.68
CA VAL A 223 11.66 16.05 8.37
C VAL A 223 12.78 16.96 8.84
N ILE A 224 13.95 16.40 9.12
CA ILE A 224 15.10 17.26 9.44
C ILE A 224 15.46 18.13 8.26
N ASP A 225 15.57 17.51 7.08
CA ASP A 225 15.87 18.30 5.89
C ASP A 225 14.73 19.26 5.57
N ALA A 226 13.48 18.85 5.83
CA ALA A 226 12.34 19.68 5.50
C ALA A 226 12.21 20.89 6.43
N VAL A 227 12.61 20.79 7.69
CA VAL A 227 12.43 21.97 8.55
C VAL A 227 13.57 22.99 8.37
N ILE A 228 14.74 22.54 7.90
CA ILE A 228 15.84 23.46 7.54
C ILE A 228 15.57 24.08 6.17
N GLU A 229 15.14 23.25 5.21
CA GLU A 229 14.78 23.63 3.84
C GLU A 229 15.82 24.56 3.21
N SER A 230 17.04 24.06 3.09
CA SER A 230 18.09 24.87 2.49
C SER A 230 19.23 23.95 2.11
N THR A 231 19.66 24.06 0.86
CA THR A 231 20.84 23.38 0.36
C THR A 231 22.12 24.01 0.89
N HIS A 232 22.02 25.10 1.62
CA HIS A 232 23.20 25.64 2.28
C HIS A 232 23.68 24.77 3.44
N TYR A 233 22.87 23.82 3.90
CA TYR A 233 23.14 22.95 5.01
C TYR A 233 23.06 21.51 4.52
N PRO A 234 24.04 20.65 4.88
CA PRO A 234 24.03 19.27 4.39
C PRO A 234 22.76 18.52 4.76
N THR A 235 22.36 17.62 3.87
CA THR A 235 21.11 16.90 3.96
C THR A 235 21.36 15.42 4.25
N HIS A 236 20.25 14.68 4.36
CA HIS A 236 20.22 13.25 4.62
C HIS A 236 19.91 12.48 3.35
N MET A 237 20.23 13.05 2.18
CA MET A 237 19.81 12.41 0.94
C MET A 237 20.46 11.05 0.77
N ALA A 238 21.76 10.92 1.10
CA ALA A 238 22.44 9.64 0.97
C ALA A 238 21.82 8.58 1.88
N ALA A 239 21.44 8.99 3.09
CA ALA A 239 20.84 8.07 4.05
C ALA A 239 19.43 7.67 3.65
N ALA A 240 18.68 8.56 2.99
CA ALA A 240 17.34 8.18 2.56
C ALA A 240 17.42 7.17 1.42
N ILE A 241 18.40 7.33 0.53
CA ILE A 241 18.60 6.38 -0.56
C ILE A 241 18.96 5.00 0.01
N GLU A 242 19.81 4.97 1.03
CA GLU A 242 20.16 3.69 1.66
C GLU A 242 18.95 3.06 2.37
N ASN A 243 18.14 3.88 3.02
CA ASN A 243 16.85 3.41 3.54
C ASN A 243 16.02 2.74 2.45
N LEU A 244 15.85 3.41 1.31
CA LEU A 244 15.08 2.79 0.23
C LEU A 244 15.76 1.53 -0.31
N GLN A 245 17.10 1.53 -0.41
CA GLN A 245 17.81 0.38 -0.91
C GLN A 245 17.65 -0.84 -0.01
N ALA A 246 17.41 -0.63 1.29
CA ALA A 246 17.20 -1.73 2.23
C ALA A 246 15.88 -2.46 1.97
N LEU A 247 14.96 -1.85 1.22
CA LEU A 247 13.80 -2.60 0.79
C LEU A 247 14.18 -3.86 0.03
N GLU A 248 15.40 -3.95 -0.52
CA GLU A 248 15.75 -5.12 -1.32
C GLU A 248 15.68 -6.39 -0.48
N GLY A 249 16.24 -6.34 0.73
CA GLY A 249 16.12 -7.46 1.65
C GLY A 249 14.69 -7.83 2.02
N PHE A 250 13.78 -6.84 2.10
CA PHE A 250 12.38 -7.16 2.39
C PHE A 250 11.70 -7.83 1.20
N VAL A 251 11.95 -7.35 -0.02
CA VAL A 251 11.40 -8.03 -1.20
C VAL A 251 11.86 -9.48 -1.21
N ASN A 252 13.16 -9.70 -1.05
CA ASN A 252 13.66 -11.07 -1.12
C ASN A 252 13.05 -11.94 -0.05
N GLN A 253 12.93 -11.44 1.18
CA GLN A 253 12.36 -12.29 2.23
C GLN A 253 10.86 -12.53 2.01
N ALA A 254 10.14 -11.57 1.44
CA ALA A 254 8.74 -11.79 1.12
C ALA A 254 8.58 -12.86 0.06
N ASP A 255 9.46 -12.86 -0.96
CA ASP A 255 9.43 -13.88 -1.99
C ASP A 255 9.85 -15.25 -1.44
N HIS A 256 10.81 -15.28 -0.52
CA HIS A 256 11.14 -16.53 0.17
C HIS A 256 9.92 -17.08 0.92
N LEU A 257 9.16 -16.21 1.58
CA LEU A 257 7.96 -16.64 2.26
C LEU A 257 6.92 -17.21 1.30
N ARG A 258 6.73 -16.54 0.16
CA ARG A 258 5.80 -17.02 -0.84
C ARG A 258 6.21 -18.40 -1.32
N GLN A 259 7.50 -18.55 -1.58
CA GLN A 259 8.04 -19.83 -2.01
C GLN A 259 7.87 -20.91 -0.94
N GLN A 260 8.15 -20.59 0.33
CA GLN A 260 8.02 -21.59 1.38
C GLN A 260 6.57 -22.04 1.52
N THR A 261 5.63 -21.11 1.40
CA THR A 261 4.22 -21.45 1.56
C THR A 261 3.74 -22.33 0.41
N LEU A 262 4.21 -22.05 -0.80
CA LEU A 262 3.87 -22.90 -1.93
C LEU A 262 4.37 -24.32 -1.73
N GLN A 263 5.63 -24.44 -1.30
CA GLN A 263 6.28 -25.73 -1.14
C GLN A 263 5.68 -26.53 0.01
N GLN A 264 5.31 -25.87 1.11
CA GLN A 264 4.68 -26.58 2.20
C GLN A 264 3.26 -26.97 1.84
N MET A 265 2.59 -26.15 1.05
CA MET A 265 1.26 -26.54 0.62
C MET A 265 1.34 -27.82 -0.24
N ALA A 266 2.35 -27.90 -1.10
CA ALA A 266 2.58 -29.07 -1.94
C ALA A 266 2.90 -30.31 -1.13
N LYS A 267 3.44 -30.16 0.09
CA LYS A 267 3.66 -31.31 0.98
C LYS A 267 2.39 -31.71 1.74
N ILE A 268 1.51 -30.77 2.04
CA ILE A 268 0.27 -31.08 2.78
C ILE A 268 -0.73 -31.74 1.87
N LEU A 269 -0.81 -31.26 0.62
CA LEU A 269 -1.86 -31.67 -0.28
C LEU A 269 -1.46 -32.90 -1.07
N THR A 270 -2.45 -33.73 -1.41
CA THR A 270 -2.26 -34.71 -2.46
C THR A 270 -1.94 -33.99 -3.76
N THR A 271 -1.49 -34.77 -4.74
CA THR A 271 -1.20 -34.22 -6.08
C THR A 271 -2.43 -33.58 -6.71
N ARG A 272 -3.57 -34.27 -6.68
CA ARG A 272 -4.74 -33.68 -7.32
C ARG A 272 -5.17 -32.42 -6.57
N GLN A 273 -5.03 -32.41 -5.23
CA GLN A 273 -5.40 -31.22 -4.46
C GLN A 273 -4.47 -30.06 -4.76
N SER A 274 -3.16 -30.35 -4.92
CA SER A 274 -2.20 -29.32 -5.31
C SER A 274 -2.54 -28.72 -6.66
N ALA A 275 -2.83 -29.57 -7.65
CA ALA A 275 -3.26 -29.13 -8.96
C ALA A 275 -4.52 -28.26 -8.86
N ARG A 276 -5.53 -28.69 -8.10
CA ARG A 276 -6.70 -27.83 -7.97
C ARG A 276 -6.34 -26.50 -7.34
N GLY A 277 -5.40 -26.52 -6.39
CA GLY A 277 -5.00 -25.27 -5.75
C GLY A 277 -4.27 -24.33 -6.67
N LEU A 278 -3.32 -24.87 -7.46
CA LEU A 278 -2.60 -24.07 -8.43
C LEU A 278 -3.48 -23.61 -9.57
N LEU A 279 -4.48 -24.41 -9.92
CA LEU A 279 -5.44 -23.97 -10.91
C LEU A 279 -6.19 -22.75 -10.40
N ALA A 280 -6.82 -22.87 -9.23
CA ALA A 280 -7.57 -21.74 -8.68
C ALA A 280 -6.66 -20.54 -8.44
N LEU A 281 -5.45 -20.78 -7.91
CA LEU A 281 -4.49 -19.68 -7.74
C LEU A 281 -4.20 -19.00 -9.05
N GLY A 282 -3.83 -19.77 -10.09
CA GLY A 282 -3.43 -19.14 -11.34
C GLY A 282 -4.58 -18.41 -12.02
N GLU A 283 -5.77 -19.00 -12.01
CA GLU A 283 -6.93 -18.35 -12.63
C GLU A 283 -7.27 -17.07 -11.89
N TYR A 284 -7.12 -17.08 -10.55
CA TYR A 284 -7.45 -15.89 -9.76
C TYR A 284 -6.50 -14.74 -10.08
N LEU A 285 -5.19 -15.02 -10.06
CA LEU A 285 -4.19 -13.99 -10.37
C LEU A 285 -4.40 -13.44 -11.77
N HIS A 286 -4.73 -14.33 -12.72
CA HIS A 286 -5.00 -13.87 -14.07
C HIS A 286 -6.22 -12.97 -14.09
N ARG A 287 -7.31 -13.41 -13.45
CA ARG A 287 -8.57 -12.67 -13.52
C ARG A 287 -8.44 -11.34 -12.80
N LEU A 288 -7.72 -11.32 -11.69
CA LEU A 288 -7.45 -10.06 -11.02
C LEU A 288 -6.90 -9.02 -11.98
N ARG A 289 -5.90 -9.41 -12.78
CA ARG A 289 -5.22 -8.45 -13.65
C ARG A 289 -6.21 -7.70 -14.53
N ALA A 290 -7.12 -8.44 -15.19
CA ALA A 290 -8.09 -7.87 -16.12
C ALA A 290 -9.36 -7.38 -15.43
N LEU A 291 -9.25 -6.87 -14.21
CA LEU A 291 -10.40 -6.32 -13.51
C LEU A 291 -10.43 -4.80 -13.44
N SER A 292 -9.30 -4.11 -13.65
CA SER A 292 -9.36 -2.64 -13.72
C SER A 292 -10.20 -2.17 -14.91
N SER A 293 -10.13 -2.90 -16.04
CA SER A 293 -10.99 -2.60 -17.18
C SER A 293 -12.48 -2.62 -16.80
N LEU A 294 -12.84 -3.46 -15.85
CA LEU A 294 -14.25 -3.61 -15.48
C LEU A 294 -14.79 -2.36 -14.81
N TRP A 295 -14.02 -1.76 -13.90
CA TRP A 295 -14.47 -0.58 -13.15
C TRP A 295 -14.76 0.60 -14.10
N GLY B 86 -14.55 15.09 -14.08
CA GLY B 86 -14.75 15.03 -12.64
C GLY B 86 -13.44 14.69 -11.89
N ILE B 87 -12.80 13.62 -12.34
CA ILE B 87 -11.41 13.35 -11.94
C ILE B 87 -10.49 14.40 -12.57
N ALA B 88 -10.74 14.75 -13.83
CA ALA B 88 -9.98 15.84 -14.45
C ALA B 88 -10.08 17.12 -13.63
N SER B 89 -11.29 17.46 -13.16
CA SER B 89 -11.44 18.66 -12.34
C SER B 89 -10.70 18.50 -11.01
N PHE B 90 -10.89 17.36 -10.34
CA PHE B 90 -10.22 17.14 -9.07
C PHE B 90 -8.71 17.35 -9.19
N GLU B 91 -8.09 16.85 -10.26
CA GLU B 91 -6.64 16.99 -10.43
C GLU B 91 -6.24 18.44 -10.63
N MET B 92 -7.12 19.26 -11.18
CA MET B 92 -6.78 20.67 -11.34
C MET B 92 -6.98 21.44 -10.03
N GLU B 93 -8.03 21.09 -9.29
CA GLU B 93 -8.18 21.65 -7.96
C GLU B 93 -6.96 21.35 -7.11
N TYR B 94 -6.52 20.08 -7.11
CA TYR B 94 -5.38 19.67 -6.30
C TYR B 94 -4.12 20.39 -6.75
N SER B 95 -3.94 20.54 -8.05
CA SER B 95 -2.77 21.26 -8.54
C SER B 95 -2.75 22.66 -7.94
N HIS B 96 -3.90 23.33 -7.92
CA HIS B 96 -3.95 24.68 -7.35
C HIS B 96 -3.91 24.64 -5.83
N TRP B 97 -4.50 23.61 -5.23
CA TRP B 97 -4.44 23.46 -3.79
C TRP B 97 -2.98 23.36 -3.33
N LEU B 98 -2.14 22.70 -4.11
CA LEU B 98 -0.73 22.63 -3.73
C LEU B 98 -0.03 23.98 -3.85
N GLN B 99 -0.37 24.76 -4.88
CA GLN B 99 0.23 26.08 -4.99
C GLN B 99 -0.09 26.91 -3.76
N GLU B 100 -1.35 26.87 -3.30
CA GLU B 100 -1.74 27.67 -2.16
C GLU B 100 -1.28 27.03 -0.84
N GLN B 101 -1.12 25.71 -0.79
CA GLN B 101 -0.49 25.12 0.40
C GLN B 101 0.91 25.67 0.59
N SER B 102 1.71 25.67 -0.47
CA SER B 102 3.09 26.15 -0.38
C SER B 102 3.12 27.62 0.06
N ARG B 103 2.13 28.41 -0.39
CA ARG B 103 2.06 29.80 0.05
C ARG B 103 1.72 29.89 1.53
N ARG B 104 0.81 29.05 2.02
CA ARG B 104 0.52 29.12 3.45
C ARG B 104 1.69 28.60 4.29
N VAL B 105 2.36 27.55 3.83
CA VAL B 105 3.55 27.09 4.54
C VAL B 105 4.59 28.18 4.60
N SER B 106 4.86 28.83 3.47
CA SER B 106 5.81 29.93 3.44
C SER B 106 5.38 31.07 4.36
N GLU B 107 4.09 31.40 4.38
CA GLU B 107 3.64 32.44 5.29
C GLU B 107 3.91 32.05 6.74
N LEU B 108 3.72 30.77 7.09
CA LEU B 108 3.96 30.35 8.46
C LEU B 108 5.44 30.47 8.81
N ARG B 109 6.31 30.10 7.88
CA ARG B 109 7.75 30.15 8.12
C ARG B 109 8.21 31.58 8.33
N THR B 110 7.67 32.50 7.55
CA THR B 110 7.97 33.91 7.73
C THR B 110 7.46 34.41 9.09
N ALA B 111 6.24 34.00 9.47
CA ALA B 111 5.68 34.47 10.73
C ALA B 111 6.47 34.00 11.94
N LEU B 112 7.00 32.77 11.91
CA LEU B 112 7.76 32.26 13.05
C LEU B 112 9.17 32.84 13.13
N GLN B 113 9.50 33.84 12.29
CA GLN B 113 10.72 34.63 12.43
C GLN B 113 10.44 36.11 12.65
N SER B 114 9.19 36.49 12.85
CA SER B 114 8.73 37.88 12.89
C SER B 114 8.17 38.11 14.30
N HIS B 115 7.65 39.32 14.54
CA HIS B 115 6.97 39.69 15.79
C HIS B 115 5.46 39.80 15.57
N ILE B 116 4.94 38.90 14.72
CA ILE B 116 3.51 38.73 14.53
C ILE B 116 2.77 38.72 15.87
N SER B 117 1.62 39.39 15.87
CA SER B 117 0.74 39.33 17.03
C SER B 117 0.11 37.97 17.20
N ASP B 118 -0.33 37.70 18.42
CA ASP B 118 -1.04 36.47 18.69
C ASP B 118 -2.31 36.36 17.87
N ILE B 119 -2.97 37.48 17.60
CA ILE B 119 -4.21 37.43 16.83
C ILE B 119 -3.91 37.17 15.36
N GLU B 120 -2.86 37.81 14.82
CA GLU B 120 -2.50 37.54 13.44
C GLU B 120 -2.02 36.11 13.26
N LEU B 121 -1.15 35.62 14.14
CA LEU B 121 -0.77 34.22 14.04
C LEU B 121 -1.99 33.31 14.15
N LYS B 122 -2.96 33.66 15.02
CA LYS B 122 -4.12 32.78 15.14
C LYS B 122 -4.92 32.76 13.85
N MET B 123 -5.00 33.91 13.17
CA MET B 123 -5.68 33.94 11.87
C MET B 123 -4.96 33.06 10.86
N LEU B 124 -3.63 33.07 10.86
CA LEU B 124 -2.90 32.26 9.90
C LEU B 124 -2.96 30.78 10.26
N VAL B 125 -2.91 30.44 11.54
CA VAL B 125 -3.08 29.05 11.91
C VAL B 125 -4.42 28.52 11.40
N GLU B 126 -5.47 29.35 11.49
CA GLU B 126 -6.81 28.97 11.06
C GLU B 126 -6.92 28.95 9.54
N SER B 127 -6.13 29.76 8.85
CA SER B 127 -6.03 29.63 7.41
C SER B 127 -5.46 28.26 6.99
N CYS B 128 -4.44 27.76 7.69
CA CYS B 128 -3.90 26.44 7.34
C CYS B 128 -4.89 25.32 7.64
N LEU B 129 -5.55 25.36 8.80
CA LEU B 129 -6.50 24.33 9.17
C LEU B 129 -7.68 24.29 8.19
N ASN B 130 -8.11 25.46 7.71
CA ASN B 130 -9.17 25.53 6.71
C ASN B 130 -8.69 25.11 5.32
N HIS B 131 -7.39 25.27 5.06
CA HIS B 131 -6.88 24.80 3.79
C HIS B 131 -6.84 23.29 3.74
N TYR B 132 -6.64 22.62 4.89
CA TYR B 132 -6.73 21.16 4.93
C TYR B 132 -8.17 20.74 4.75
N ALA B 133 -9.09 21.50 5.32
CA ALA B 133 -10.51 21.20 5.14
C ALA B 133 -10.89 21.25 3.67
N ASN B 134 -10.33 22.20 2.93
CA ASN B 134 -10.59 22.30 1.49
C ASN B 134 -10.11 21.05 0.76
N LEU B 135 -8.96 20.53 1.16
CA LEU B 135 -8.47 19.28 0.59
C LEU B 135 -9.43 18.13 0.83
N PHE B 136 -9.92 17.96 2.06
CA PHE B 136 -10.78 16.81 2.36
C PHE B 136 -12.11 16.91 1.60
N GLN B 137 -12.58 18.13 1.38
CA GLN B 137 -13.82 18.32 0.62
C GLN B 137 -13.58 18.06 -0.85
N MET B 138 -12.45 18.50 -1.39
CA MET B 138 -12.08 18.13 -2.76
C MET B 138 -11.99 16.62 -2.92
N LYS B 139 -11.38 15.91 -1.96
CA LYS B 139 -11.28 14.45 -2.07
C LYS B 139 -12.64 13.78 -1.95
N SER B 140 -13.52 14.32 -1.10
CA SER B 140 -14.86 13.75 -0.94
C SER B 140 -15.64 13.81 -2.25
N ASP B 141 -15.46 14.89 -3.01
CA ASP B 141 -16.12 15.02 -4.32
C ASP B 141 -15.49 14.14 -5.39
N ALA B 142 -14.17 13.95 -5.33
CA ALA B 142 -13.53 13.00 -6.23
C ALA B 142 -13.93 11.58 -5.92
N ALA B 143 -14.20 11.25 -4.65
CA ALA B 143 -14.59 9.90 -4.29
C ALA B 143 -15.95 9.52 -4.88
N LYS B 144 -16.81 10.51 -5.13
CA LYS B 144 -18.08 10.24 -5.79
C LYS B 144 -17.88 9.98 -7.27
N ALA B 145 -16.90 10.63 -7.89
CA ALA B 145 -16.66 10.43 -9.32
C ALA B 145 -15.94 9.10 -9.58
N ASP B 146 -14.88 8.80 -8.84
CA ASP B 146 -14.11 7.57 -9.06
C ASP B 146 -13.32 7.21 -7.81
N VAL B 147 -13.97 6.52 -6.87
CA VAL B 147 -13.36 6.26 -5.58
C VAL B 147 -12.14 5.35 -5.72
N PHE B 148 -12.17 4.43 -6.68
CA PHE B 148 -11.03 3.54 -6.89
C PHE B 148 -9.79 4.32 -7.31
N TYR B 149 -9.97 5.34 -8.17
CA TYR B 149 -8.84 6.18 -8.51
C TYR B 149 -8.32 6.92 -7.29
N LEU B 150 -9.23 7.52 -6.54
CA LEU B 150 -8.85 8.32 -5.39
C LEU B 150 -8.06 7.49 -4.39
N ILE B 151 -8.63 6.38 -3.93
CA ILE B 151 -7.99 5.57 -2.91
C ILE B 151 -6.71 4.93 -3.40
N SER B 152 -6.51 4.81 -4.72
CA SER B 152 -5.24 4.29 -5.22
C SER B 152 -4.11 5.29 -5.08
N GLY B 153 -4.39 6.59 -5.04
CA GLY B 153 -3.35 7.58 -4.87
C GLY B 153 -2.52 7.84 -6.11
N MET B 154 -2.99 7.42 -7.30
CA MET B 154 -2.25 7.69 -8.53
C MET B 154 -2.17 9.19 -8.84
N TRP B 155 -3.04 9.99 -8.25
CA TRP B 155 -2.97 11.43 -8.32
C TRP B 155 -1.88 12.00 -7.43
N ARG B 156 -1.21 11.17 -6.61
CA ARG B 156 -0.12 11.61 -5.74
C ARG B 156 1.20 11.08 -6.29
N THR B 157 2.29 11.34 -5.56
CA THR B 157 3.56 10.81 -6.01
C THR B 157 3.79 9.38 -5.48
N SER B 158 4.82 8.72 -6.03
CA SER B 158 5.12 7.34 -5.67
C SER B 158 5.56 7.27 -4.22
N THR B 159 6.24 8.30 -3.72
CA THR B 159 6.62 8.30 -2.31
C THR B 159 5.40 8.36 -1.39
N GLU B 160 4.48 9.28 -1.68
CA GLU B 160 3.27 9.38 -0.89
C GLU B 160 2.54 8.04 -0.87
N ARG B 161 2.49 7.35 -2.02
CA ARG B 161 1.81 6.05 -2.07
C ARG B 161 2.55 5.01 -1.22
N PHE B 162 3.87 5.13 -1.11
CA PHE B 162 4.64 4.25 -0.24
C PHE B 162 4.21 4.41 1.21
N PHE B 163 3.90 5.64 1.61
CA PHE B 163 3.49 5.93 2.97
C PHE B 163 1.98 5.96 3.13
N GLN B 164 1.24 5.46 2.16
CA GLN B 164 -0.18 5.75 2.05
C GLN B 164 -1.03 4.86 2.96
N TRP B 165 -1.96 5.50 3.67
CA TRP B 165 -3.07 4.85 4.34
C TRP B 165 -4.41 5.51 3.98
N ILE B 166 -5.27 4.76 3.25
CA ILE B 166 -6.59 5.18 2.80
C ILE B 166 -6.72 6.52 2.06
N GLY B 167 -5.83 6.76 1.10
CA GLY B 167 -5.92 7.94 0.28
C GLY B 167 -5.13 9.08 0.90
N GLY B 168 -4.27 8.81 1.87
CA GLY B 168 -3.49 9.88 2.46
C GLY B 168 -2.48 9.31 3.42
N PHE B 169 -2.20 9.99 4.52
CA PHE B 169 -1.33 9.50 5.58
C PHE B 169 -2.13 9.04 6.78
N ARG B 170 -1.51 8.16 7.58
CA ARG B 170 -2.00 7.89 8.92
C ARG B 170 -1.80 9.13 9.78
N PRO B 171 -2.84 9.73 10.36
CA PRO B 171 -2.59 10.91 11.20
C PRO B 171 -1.72 10.59 12.39
N SER B 172 -1.79 9.34 12.89
CA SER B 172 -1.01 8.97 14.07
C SER B 172 0.49 9.05 13.79
N GLU B 173 0.89 8.75 12.57
CA GLU B 173 2.30 8.80 12.16
C GLU B 173 2.76 10.21 11.80
N LEU B 174 1.89 11.06 11.27
CA LEU B 174 2.26 12.46 11.07
C LEU B 174 2.45 13.17 12.40
N LEU B 175 1.61 12.82 13.39
CA LEU B 175 1.76 13.30 14.75
C LEU B 175 3.13 12.94 15.35
N ASN B 176 3.55 11.70 15.16
CA ASN B 176 4.88 11.28 15.62
C ASN B 176 6.01 12.06 14.93
N VAL B 177 5.90 12.31 13.62
CA VAL B 177 6.94 13.02 12.88
C VAL B 177 7.11 14.45 13.39
N VAL B 178 5.99 15.11 13.70
CA VAL B 178 6.06 16.53 14.06
C VAL B 178 6.26 16.76 15.55
N MET B 179 6.11 15.72 16.38
CA MET B 179 6.10 15.91 17.83
C MET B 179 7.37 16.54 18.40
N PRO B 180 8.57 16.14 18.01
CA PRO B 180 9.75 16.82 18.56
C PRO B 180 9.78 18.30 18.22
N TYR B 181 9.12 18.70 17.13
CA TYR B 181 9.12 20.11 16.72
C TYR B 181 8.07 20.92 17.42
N LEU B 182 7.16 20.28 18.16
CA LEU B 182 6.20 21.00 18.99
C LEU B 182 6.82 21.43 20.31
N GLN B 183 7.96 20.84 20.67
CA GLN B 183 8.50 20.93 22.03
C GLN B 183 9.11 22.31 22.27
N PRO B 184 9.11 22.78 23.53
CA PRO B 184 8.64 22.03 24.70
C PRO B 184 7.17 22.21 25.07
N LEU B 185 6.58 21.08 25.42
CA LEU B 185 5.20 20.99 25.86
C LEU B 185 5.18 20.62 27.34
N THR B 186 4.04 20.88 27.99
CA THR B 186 3.84 20.43 29.35
C THR B 186 3.62 18.91 29.35
N ASP B 187 3.81 18.31 30.54
CA ASP B 187 3.55 16.88 30.68
C ASP B 187 2.09 16.58 30.38
N GLN B 188 1.18 17.49 30.71
CA GLN B 188 -0.23 17.24 30.45
C GLN B 188 -0.51 17.27 28.96
N GLN B 189 0.06 18.27 28.26
CA GLN B 189 -0.08 18.31 26.81
C GLN B 189 0.51 17.06 26.17
N ILE B 190 1.69 16.65 26.63
CA ILE B 190 2.29 15.44 26.06
C ILE B 190 1.35 14.27 26.25
N LEU B 191 0.74 14.17 27.42
CA LEU B 191 -0.22 13.08 27.67
C LEU B 191 -1.45 13.18 26.76
N GLU B 192 -1.99 14.38 26.58
CA GLU B 192 -3.14 14.53 25.71
C GLU B 192 -2.77 14.25 24.28
N VAL B 193 -1.54 14.60 23.89
CA VAL B 193 -1.12 14.29 22.53
C VAL B 193 -1.02 12.78 22.37
N ARG B 194 -0.41 12.12 23.35
CA ARG B 194 -0.24 10.69 23.23
C ARG B 194 -1.58 9.98 23.24
N ASN B 195 -2.50 10.41 24.08
CA ASN B 195 -3.83 9.82 24.03
C ASN B 195 -4.48 10.02 22.67
N LEU B 196 -4.31 11.20 22.06
CA LEU B 196 -4.92 11.41 20.74
C LEU B 196 -4.29 10.49 19.70
N GLN B 197 -2.97 10.33 19.76
CA GLN B 197 -2.31 9.42 18.84
C GLN B 197 -2.82 8.00 19.02
N GLN B 198 -2.91 7.51 20.26
CA GLN B 198 -3.39 6.17 20.47
C GLN B 198 -4.83 6.00 19.96
N SER B 199 -5.70 6.93 20.32
CA SER B 199 -7.07 6.87 19.83
C SER B 199 -7.11 6.93 18.31
N SER B 200 -6.20 7.68 17.70
CA SER B 200 -6.17 7.70 16.25
C SER B 200 -5.70 6.36 15.71
N GLN B 201 -4.67 5.78 16.33
CA GLN B 201 -4.16 4.48 15.89
C GLN B 201 -5.27 3.42 15.94
N GLN B 202 -6.04 3.41 17.02
CA GLN B 202 -7.20 2.54 17.13
C GLN B 202 -8.20 2.80 16.01
N ALA B 203 -8.55 4.06 15.74
CA ALA B 203 -9.50 4.31 14.66
C ALA B 203 -8.91 3.93 13.30
N GLU B 204 -7.60 4.16 13.09
CA GLU B 204 -6.99 3.79 11.82
C GLU B 204 -7.05 2.29 11.59
N ASP B 205 -6.71 1.51 12.62
CA ASP B 205 -6.75 0.06 12.47
C ASP B 205 -8.18 -0.44 12.27
N ALA B 206 -9.18 0.18 12.90
CA ALA B 206 -10.56 -0.24 12.65
C ALA B 206 -10.95 0.00 11.20
N LEU B 207 -10.56 1.15 10.65
CA LEU B 207 -10.83 1.40 9.24
C LEU B 207 -10.10 0.40 8.35
N SER B 208 -8.81 0.14 8.64
CA SER B 208 -8.08 -0.81 7.81
C SER B 208 -8.70 -2.21 7.90
N GLN B 209 -9.29 -2.58 9.05
CA GLN B 209 -9.95 -3.87 9.15
C GLN B 209 -11.22 -3.87 8.30
N GLY B 210 -11.92 -2.74 8.21
CA GLY B 210 -13.05 -2.63 7.30
C GLY B 210 -12.63 -2.82 5.84
N ILE B 211 -11.57 -2.14 5.43
CA ILE B 211 -11.03 -2.30 4.08
C ILE B 211 -10.63 -3.75 3.82
N ASP B 212 -9.96 -4.38 4.79
CA ASP B 212 -9.56 -5.77 4.61
C ASP B 212 -10.75 -6.70 4.41
N LYS B 213 -11.88 -6.40 5.06
CA LYS B 213 -13.07 -7.22 4.89
C LYS B 213 -13.65 -7.03 3.50
N LEU B 214 -13.68 -5.77 3.02
CA LEU B 214 -14.12 -5.51 1.66
C LEU B 214 -13.21 -6.18 0.64
N GLN B 215 -11.90 -6.14 0.85
CA GLN B 215 -11.01 -6.81 -0.11
C GLN B 215 -11.25 -8.32 -0.12
N GLN B 216 -11.48 -8.90 1.05
CA GLN B 216 -11.77 -10.32 1.12
C GLN B 216 -13.07 -10.65 0.39
N SER B 217 -14.08 -9.78 0.52
CA SER B 217 -15.32 -9.98 -0.23
C SER B 217 -15.10 -9.84 -1.73
N LEU B 218 -14.24 -8.91 -2.18
CA LEU B 218 -13.96 -8.79 -3.60
C LEU B 218 -13.24 -10.03 -4.15
N ALA B 219 -12.19 -10.43 -3.47
CA ALA B 219 -11.39 -11.59 -3.85
C ALA B 219 -12.25 -12.82 -3.99
N GLU B 220 -13.16 -13.04 -3.02
CA GLU B 220 -14.02 -14.23 -3.07
C GLU B 220 -15.00 -14.17 -4.24
N SER B 221 -15.42 -12.96 -4.63
CA SER B 221 -16.24 -12.84 -5.83
C SER B 221 -15.42 -13.09 -7.11
N ILE B 222 -14.18 -12.60 -7.12
CA ILE B 222 -13.32 -12.71 -8.30
C ILE B 222 -12.91 -14.15 -8.57
N VAL B 223 -12.64 -14.93 -7.52
CA VAL B 223 -12.17 -16.29 -7.75
C VAL B 223 -13.30 -17.18 -8.27
N ILE B 224 -14.55 -16.88 -7.91
CA ILE B 224 -15.64 -17.66 -8.45
C ILE B 224 -15.72 -17.48 -9.98
N ASP B 225 -15.72 -16.23 -10.44
CA ASP B 225 -15.64 -15.95 -11.87
C ASP B 225 -14.38 -16.52 -12.49
N ALA B 226 -13.26 -16.47 -11.76
CA ALA B 226 -12.02 -16.96 -12.34
C ALA B 226 -12.02 -18.48 -12.51
N VAL B 227 -12.64 -19.23 -11.60
CA VAL B 227 -12.57 -20.67 -11.75
C VAL B 227 -13.53 -21.17 -12.82
N ILE B 228 -14.63 -20.45 -13.05
CA ILE B 228 -15.52 -20.82 -14.13
C ILE B 228 -14.94 -20.38 -15.48
N GLU B 229 -14.53 -19.11 -15.57
CA GLU B 229 -13.81 -18.55 -16.72
C GLU B 229 -14.50 -18.86 -18.05
N SER B 230 -15.71 -18.33 -18.20
CA SER B 230 -16.47 -18.53 -19.42
C SER B 230 -17.41 -17.35 -19.61
N THR B 231 -17.44 -16.80 -20.81
CA THR B 231 -18.48 -15.84 -21.14
C THR B 231 -19.86 -16.47 -21.18
N HIS B 232 -19.97 -17.79 -21.31
CA HIS B 232 -21.26 -18.48 -21.22
C HIS B 232 -21.92 -18.36 -19.85
N TYR B 233 -21.19 -17.95 -18.81
CA TYR B 233 -21.78 -17.94 -17.49
C TYR B 233 -21.68 -16.55 -16.86
N PRO B 234 -22.75 -16.07 -16.21
CA PRO B 234 -22.76 -14.70 -15.69
C PRO B 234 -21.72 -14.50 -14.61
N THR B 235 -21.24 -13.26 -14.49
CA THR B 235 -20.16 -12.90 -13.58
C THR B 235 -20.69 -12.00 -12.47
N HIS B 236 -19.84 -11.73 -11.48
CA HIS B 236 -20.17 -10.96 -10.28
C HIS B 236 -19.75 -9.50 -10.39
N MET B 237 -19.76 -8.93 -11.59
CA MET B 237 -19.17 -7.60 -11.72
C MET B 237 -20.14 -6.50 -11.29
N ALA B 238 -21.39 -6.82 -10.99
CA ALA B 238 -22.22 -5.87 -10.24
C ALA B 238 -21.91 -5.93 -8.74
N ALA B 239 -21.73 -7.15 -8.20
CA ALA B 239 -21.27 -7.29 -6.83
C ALA B 239 -19.89 -6.68 -6.64
N ALA B 240 -18.96 -6.98 -7.56
CA ALA B 240 -17.64 -6.39 -7.48
C ALA B 240 -17.71 -4.87 -7.46
N ILE B 241 -18.36 -4.29 -8.49
CA ILE B 241 -18.34 -2.83 -8.61
C ILE B 241 -19.06 -2.17 -7.44
N GLU B 242 -20.11 -2.78 -6.93
CA GLU B 242 -20.90 -2.09 -5.92
C GLU B 242 -20.30 -2.23 -4.53
N ASN B 243 -19.65 -3.35 -4.17
CA ASN B 243 -19.02 -3.31 -2.86
C ASN B 243 -17.65 -2.62 -2.90
N LEU B 244 -17.09 -2.38 -4.09
CA LEU B 244 -15.99 -1.43 -4.17
C LEU B 244 -16.49 0.01 -4.05
N GLN B 245 -17.79 0.22 -4.25
CA GLN B 245 -18.36 1.54 -4.04
C GLN B 245 -18.31 1.94 -2.58
N ALA B 246 -18.31 0.94 -1.68
CA ALA B 246 -18.31 1.19 -0.24
C ALA B 246 -16.99 1.80 0.24
N LEU B 247 -15.95 1.71 -0.59
CA LEU B 247 -14.70 2.43 -0.32
C LEU B 247 -14.94 3.92 -0.11
N GLU B 248 -15.99 4.48 -0.69
CA GLU B 248 -16.24 5.89 -0.48
C GLU B 248 -16.43 6.19 1.01
N GLY B 249 -17.20 5.35 1.71
CA GLY B 249 -17.42 5.59 3.12
C GLY B 249 -16.13 5.59 3.92
N PHE B 250 -15.21 4.70 3.55
CA PHE B 250 -13.93 4.63 4.24
C PHE B 250 -13.06 5.84 3.95
N VAL B 251 -13.03 6.28 2.70
CA VAL B 251 -12.30 7.49 2.35
C VAL B 251 -12.82 8.66 3.14
N ASN B 252 -14.15 8.78 3.23
CA ASN B 252 -14.70 9.91 3.95
C ASN B 252 -14.42 9.82 5.44
N GLN B 253 -14.47 8.61 6.03
CA GLN B 253 -14.17 8.60 7.47
C GLN B 253 -12.68 8.74 7.77
N ALA B 254 -11.80 8.30 6.87
CA ALA B 254 -10.38 8.55 7.06
C ALA B 254 -10.12 10.04 7.05
N ASP B 255 -10.77 10.78 6.16
CA ASP B 255 -10.56 12.23 6.11
C ASP B 255 -11.16 12.90 7.32
N HIS B 256 -12.32 12.44 7.77
CA HIS B 256 -12.88 12.93 9.02
C HIS B 256 -11.92 12.68 10.17
N LEU B 257 -11.23 11.54 10.17
CA LEU B 257 -10.27 11.31 11.26
C LEU B 257 -9.07 12.26 11.14
N ARG B 258 -8.60 12.54 9.93
CA ARG B 258 -7.52 13.50 9.80
C ARG B 258 -7.94 14.88 10.28
N GLN B 259 -9.14 15.32 9.89
CA GLN B 259 -9.61 16.64 10.30
C GLN B 259 -9.85 16.70 11.80
N GLN B 260 -10.33 15.61 12.39
CA GLN B 260 -10.54 15.59 13.84
C GLN B 260 -9.21 15.69 14.57
N THR B 261 -8.19 15.02 14.06
CA THR B 261 -6.88 15.04 14.69
C THR B 261 -6.27 16.43 14.61
N LEU B 262 -6.39 17.06 13.45
CA LEU B 262 -5.90 18.42 13.29
C LEU B 262 -6.57 19.37 14.28
N GLN B 263 -7.90 19.32 14.36
CA GLN B 263 -8.61 20.26 15.22
C GLN B 263 -8.40 19.93 16.71
N GLN B 264 -8.17 18.67 17.06
CA GLN B 264 -7.92 18.37 18.47
C GLN B 264 -6.52 18.85 18.88
N MET B 265 -5.54 18.74 17.97
CA MET B 265 -4.20 19.27 18.24
C MET B 265 -4.25 20.79 18.41
N ALA B 266 -5.03 21.48 17.57
CA ALA B 266 -5.17 22.93 17.71
C ALA B 266 -5.71 23.32 19.07
N LYS B 267 -6.50 22.45 19.70
CA LYS B 267 -7.03 22.72 21.04
C LYS B 267 -6.01 22.40 22.13
N ILE B 268 -5.16 21.39 21.93
CA ILE B 268 -4.19 21.03 22.95
C ILE B 268 -3.04 22.02 22.97
N LEU B 269 -2.69 22.58 21.82
CA LEU B 269 -1.51 23.39 21.68
C LEU B 269 -1.87 24.86 21.78
N THR B 270 -0.91 25.66 22.23
CA THR B 270 -1.02 27.10 22.05
C THR B 270 -0.99 27.45 20.56
N THR B 271 -1.42 28.67 20.24
CA THR B 271 -1.32 29.19 18.87
C THR B 271 0.11 29.04 18.32
N ARG B 272 1.11 29.42 19.11
CA ARG B 272 2.49 29.37 18.63
C ARG B 272 2.95 27.93 18.45
N GLN B 273 2.57 27.06 19.37
CA GLN B 273 2.87 25.65 19.18
C GLN B 273 2.14 25.08 17.96
N SER B 274 0.87 25.46 17.78
CA SER B 274 0.14 25.03 16.59
C SER B 274 0.81 25.55 15.33
N ALA B 275 1.26 26.79 15.34
CA ALA B 275 1.99 27.29 14.20
C ALA B 275 3.21 26.43 13.89
N ARG B 276 3.99 26.06 14.91
CA ARG B 276 5.20 25.26 14.66
C ARG B 276 4.83 23.88 14.16
N GLY B 277 3.77 23.31 14.70
CA GLY B 277 3.33 22.01 14.22
C GLY B 277 2.89 22.05 12.79
N LEU B 278 2.07 23.04 12.43
CA LEU B 278 1.65 23.15 11.03
C LEU B 278 2.82 23.45 10.10
N LEU B 279 3.81 24.22 10.57
CA LEU B 279 4.94 24.50 9.73
C LEU B 279 5.74 23.22 9.47
N ALA B 280 5.99 22.44 10.51
CA ALA B 280 6.74 21.20 10.32
C ALA B 280 5.93 20.19 9.51
N LEU B 281 4.62 20.15 9.72
CA LEU B 281 3.77 19.26 8.92
C LEU B 281 3.82 19.64 7.45
N GLY B 282 3.56 20.90 7.14
CA GLY B 282 3.57 21.31 5.75
C GLY B 282 4.93 21.08 5.10
N GLU B 283 6.01 21.43 5.82
CA GLU B 283 7.33 21.25 5.25
C GLU B 283 7.63 19.77 5.02
N TYR B 284 7.22 18.92 5.94
CA TYR B 284 7.41 17.50 5.78
C TYR B 284 6.64 16.98 4.57
N LEU B 285 5.39 17.40 4.40
CA LEU B 285 4.56 16.86 3.30
C LEU B 285 5.16 17.24 1.96
N HIS B 286 5.65 18.46 1.86
CA HIS B 286 6.30 18.94 0.66
C HIS B 286 7.58 18.16 0.38
N ARG B 287 8.48 18.08 1.35
CA ARG B 287 9.75 17.44 1.06
C ARG B 287 9.56 15.96 0.78
N LEU B 288 8.61 15.31 1.48
CA LEU B 288 8.32 13.90 1.24
C LEU B 288 7.96 13.62 -0.21
N ARG B 289 7.33 14.59 -0.88
CA ARG B 289 6.97 14.41 -2.28
C ARG B 289 8.22 14.33 -3.16
N ALA B 290 9.28 15.06 -2.79
CA ALA B 290 10.54 15.05 -3.56
C ALA B 290 11.31 13.73 -3.43
N LEU B 291 10.93 12.85 -2.51
CA LEU B 291 11.69 11.60 -2.35
C LEU B 291 11.74 10.80 -3.66
N SER B 292 10.66 10.76 -4.43
CA SER B 292 10.69 9.98 -5.68
C SER B 292 11.70 10.58 -6.67
N SER B 293 11.76 11.92 -6.80
CA SER B 293 12.79 12.50 -7.65
C SER B 293 14.20 12.16 -7.14
N LEU B 294 14.39 12.09 -5.82
CA LEU B 294 15.72 11.78 -5.30
C LEU B 294 16.11 10.36 -5.65
N TRP B 295 15.19 9.41 -5.43
CA TRP B 295 15.45 8.03 -5.84
C TRP B 295 15.79 7.95 -7.31
N ALA B 296 15.00 8.62 -8.15
CA ALA B 296 15.21 8.56 -9.59
C ALA B 296 16.63 8.96 -9.97
N ALA B 297 17.22 9.88 -9.24
CA ALA B 297 18.53 10.43 -9.56
C ALA B 297 19.66 9.74 -8.82
N ARG B 298 19.37 8.65 -8.11
CA ARG B 298 20.41 7.99 -7.32
C ARG B 298 21.57 7.53 -8.20
N PRO B 299 22.78 7.41 -7.65
CA PRO B 299 23.87 6.79 -8.41
C PRO B 299 23.54 5.33 -8.72
N GLN B 300 23.74 4.93 -9.98
CA GLN B 300 23.43 3.55 -10.40
C GLN B 300 24.67 2.90 -11.00
#